data_9I8A
#
_entry.id   9I8A
#
_cell.length_a   105.332
_cell.length_b   105.332
_cell.length_c   171.409
_cell.angle_alpha   90
_cell.angle_beta   90
_cell.angle_gamma   120
#
_symmetry.space_group_name_H-M   'P 65 2 2'
#
loop_
_entity.id
_entity.type
_entity.pdbx_description
1 polymer 'Nuclear RNA export factor 1'
2 polymer 'NTF2-related export protein 1'
3 water water
#
loop_
_entity_poly.entity_id
_entity_poly.type
_entity_poly.pdbx_seq_one_letter_code
_entity_poly.pdbx_strand_id
1 'polypeptide(L)'
;APTTLPPCKGSYFGTENLKSLVLHFLQQYYAIYDSGDRQGLLDAYHDGACCSLSIPFIPQNPARSSLAEYFKDSRNVKKL
KDPTLRFRLLKHTRLNVVAFLNELPKTQHDVNSFVVDISAQTSTLLCFSVNGVFKEVDGKSRDSLRAFTRTFIAVPASNS
GLCIVNDELFVRNASSEEIQRAFAMPAPTP
;
B
2 'polypeptide(L)'
;SVDFKTYVDQACRAAEEFVNVYYTTMDKRRRLLSRLYMGTATLVWNGNAVSGQESLSEFFEMLPSSEFQISVVDCQPVHD
EATPSQTTVLVVICGSVKFEGNKQRDFNQNFILTAQASPSNTVWKIASDCFRFQDWAS
;
A
#
# COMPACT_ATOMS: atom_id res chain seq x y z
N ALA A 1 -23.32 13.54 -17.53
CA ALA A 1 -22.15 13.23 -16.68
C ALA A 1 -22.61 12.69 -15.32
N PRO A 2 -22.07 11.54 -14.85
CA PRO A 2 -22.43 11.01 -13.53
C PRO A 2 -21.76 11.77 -12.39
N THR A 3 -22.28 11.60 -11.14
CA THR A 3 -21.68 12.19 -9.95
C THR A 3 -21.76 11.23 -8.73
N THR A 4 -22.37 10.04 -8.88
CA THR A 4 -22.48 9.11 -7.77
C THR A 4 -21.17 8.34 -7.67
N LEU A 5 -20.59 8.32 -6.46
CA LEU A 5 -19.55 7.35 -6.14
C LEU A 5 -20.27 6.10 -5.62
N PRO A 6 -19.87 4.86 -6.02
CA PRO A 6 -20.40 3.67 -5.38
C PRO A 6 -20.20 3.67 -3.88
N PRO A 7 -21.03 2.93 -3.12
CA PRO A 7 -20.93 2.89 -1.65
C PRO A 7 -19.61 2.30 -1.14
N CYS A 8 -18.98 2.99 -0.19
CA CYS A 8 -17.72 2.58 0.38
C CYS A 8 -17.98 1.51 1.43
N LYS A 9 -17.11 0.49 1.49
CA LYS A 9 -17.30 -0.65 2.37
C LYS A 9 -16.02 -0.86 3.17
N GLY A 10 -16.11 -1.65 4.24
CA GLY A 10 -14.96 -2.00 5.06
C GLY A 10 -14.10 -3.09 4.42
N SER A 11 -13.48 -3.89 5.27
CA SER A 11 -12.48 -4.88 4.89
C SER A 11 -13.00 -5.80 3.80
N TYR A 12 -12.11 -6.13 2.85
CA TYR A 12 -12.39 -7.07 1.79
C TYR A 12 -11.40 -8.23 1.94
N PHE A 13 -11.93 -9.45 2.25
CA PHE A 13 -11.08 -10.62 2.37
C PHE A 13 -11.29 -11.64 1.25
N GLY A 14 -12.43 -11.56 0.55
CA GLY A 14 -12.76 -12.50 -0.52
C GLY A 14 -13.33 -13.82 -0.01
N THR A 15 -12.55 -14.55 0.84
CA THR A 15 -12.98 -15.83 1.35
C THR A 15 -12.79 -15.88 2.87
N GLU A 16 -13.57 -16.78 3.51
CA GLU A 16 -13.47 -16.97 4.97
C GLU A 16 -12.09 -17.53 5.33
N ASN A 17 -11.60 -18.48 4.53
CA ASN A 17 -10.28 -19.05 4.77
C ASN A 17 -9.21 -17.96 4.84
N LEU A 18 -9.22 -17.02 3.87
CA LEU A 18 -8.19 -15.97 3.80
C LEU A 18 -8.35 -14.96 4.94
N LYS A 19 -9.61 -14.69 5.30
CA LYS A 19 -9.85 -13.77 6.41
C LYS A 19 -9.21 -14.34 7.66
N SER A 20 -9.45 -15.64 7.94
CA SER A 20 -8.87 -16.29 9.09
C SER A 20 -7.33 -16.20 9.07
N LEU A 21 -6.73 -16.51 7.91
CA LEU A 21 -5.28 -16.57 7.76
C LEU A 21 -4.65 -15.19 8.00
N VAL A 22 -5.21 -14.16 7.33
CA VAL A 22 -4.61 -12.83 7.40
C VAL A 22 -4.84 -12.18 8.77
N LEU A 23 -6.05 -12.32 9.33
CA LEU A 23 -6.31 -11.78 10.65
C LEU A 23 -5.40 -12.42 11.70
N HIS A 24 -5.11 -13.72 11.61
CA HIS A 24 -4.20 -14.37 12.54
C HIS A 24 -2.77 -13.86 12.36
N PHE A 25 -2.35 -13.70 11.10
CA PHE A 25 -1.02 -13.14 10.83
C PHE A 25 -0.84 -11.77 11.49
N LEU A 26 -1.87 -10.91 11.39
CA LEU A 26 -1.75 -9.52 11.84
C LEU A 26 -1.72 -9.50 13.36
N GLN A 27 -2.55 -10.33 14.00
CA GLN A 27 -2.49 -10.53 15.45
C GLN A 27 -1.09 -10.86 15.93
N GLN A 28 -0.48 -11.87 15.31
CA GLN A 28 0.84 -12.38 15.68
C GLN A 28 1.91 -11.32 15.38
N TYR A 29 1.85 -10.71 14.20
CA TYR A 29 2.85 -9.73 13.78
C TYR A 29 2.86 -8.56 14.76
N TYR A 30 1.67 -8.01 15.04
CA TYR A 30 1.60 -6.80 15.84
C TYR A 30 1.80 -7.09 17.34
N ALA A 31 1.62 -8.34 17.79
CA ALA A 31 2.00 -8.65 19.18
C ALA A 31 3.50 -8.46 19.35
N ILE A 32 4.30 -8.85 18.36
CA ILE A 32 5.73 -8.62 18.42
C ILE A 32 6.08 -7.15 18.16
N TYR A 33 5.45 -6.58 17.12
CA TYR A 33 5.74 -5.20 16.72
C TYR A 33 5.52 -4.19 17.86
N ASP A 34 4.49 -4.44 18.69
CA ASP A 34 4.15 -3.56 19.80
C ASP A 34 4.74 -3.97 21.16
N SER A 35 5.71 -4.91 21.15
CA SER A 35 6.23 -5.50 22.37
C SER A 35 7.38 -4.72 23.01
N GLY A 36 8.09 -3.88 22.28
CA GLY A 36 9.26 -3.24 22.86
C GLY A 36 10.61 -3.79 22.38
N ASP A 37 10.58 -4.95 21.75
CA ASP A 37 11.70 -5.45 20.96
C ASP A 37 11.11 -6.20 19.77
N ARG A 38 11.43 -5.71 18.58
CA ARG A 38 10.84 -6.22 17.36
C ARG A 38 11.68 -7.34 16.74
N GLN A 39 12.74 -7.84 17.42
CA GLN A 39 13.64 -8.78 16.76
C GLN A 39 12.92 -10.10 16.43
N GLY A 40 11.78 -10.37 17.07
CA GLY A 40 10.99 -11.55 16.81
C GLY A 40 10.45 -11.58 15.37
N LEU A 41 10.43 -10.41 14.73
CA LEU A 41 9.98 -10.32 13.36
C LEU A 41 11.00 -10.90 12.38
N LEU A 42 12.24 -11.16 12.80
CA LEU A 42 13.21 -11.81 11.93
C LEU A 42 12.66 -13.12 11.32
N ASP A 43 11.80 -13.81 12.07
CA ASP A 43 11.26 -15.06 11.56
C ASP A 43 9.99 -14.87 10.72
N ALA A 44 9.51 -13.62 10.57
CA ALA A 44 8.38 -13.33 9.70
C ALA A 44 8.79 -12.76 8.34
N TYR A 45 10.05 -12.32 8.19
CA TYR A 45 10.53 -11.69 6.97
C TYR A 45 11.46 -12.64 6.23
N HIS A 46 11.31 -12.71 4.90
CA HIS A 46 12.20 -13.45 4.01
C HIS A 46 13.62 -12.91 4.16
N ASP A 47 14.61 -13.79 3.95
CA ASP A 47 16.00 -13.36 3.90
C ASP A 47 16.23 -12.15 2.98
N GLY A 48 15.54 -12.15 1.84
CA GLY A 48 15.66 -11.12 0.82
C GLY A 48 14.54 -10.09 0.81
N ALA A 49 13.85 -9.92 1.93
CA ALA A 49 12.75 -8.96 2.03
C ALA A 49 13.18 -7.50 1.80
N CYS A 50 12.19 -6.69 1.38
CA CYS A 50 12.34 -5.24 1.22
C CYS A 50 11.34 -4.53 2.10
N CYS A 51 11.77 -3.34 2.63
CA CYS A 51 10.90 -2.49 3.43
C CYS A 51 11.21 -1.03 3.07
N SER A 52 10.16 -0.21 3.01
CA SER A 52 10.39 1.23 2.91
C SER A 52 9.22 1.97 3.55
N LEU A 53 9.51 3.24 3.92
CA LEU A 53 8.59 4.13 4.62
C LEU A 53 8.36 5.39 3.79
N SER A 54 7.10 5.86 3.77
CA SER A 54 6.78 7.13 3.19
C SER A 54 5.85 7.90 4.13
N ILE A 55 5.89 9.25 4.05
CA ILE A 55 5.00 10.11 4.78
C ILE A 55 4.49 11.21 3.84
N PRO A 56 3.45 11.98 4.23
CA PRO A 56 2.96 13.07 3.39
C PRO A 56 4.01 14.12 3.06
N PHE A 57 3.89 14.70 1.86
CA PHE A 57 4.84 15.73 1.43
C PHE A 57 4.56 16.96 2.28
N ILE A 58 5.58 17.43 3.02
CA ILE A 58 5.45 18.56 3.94
C ILE A 58 6.82 19.23 4.05
N SER A 65 8.20 19.12 12.38
CA SER A 65 6.84 18.54 12.44
C SER A 65 6.80 17.38 13.45
N SER A 66 5.59 17.01 13.86
CA SER A 66 5.43 15.90 14.77
C SER A 66 5.87 14.59 14.10
N LEU A 67 6.18 14.60 12.78
CA LEU A 67 6.58 13.36 12.10
C LEU A 67 8.10 13.30 11.91
N ALA A 68 8.88 14.07 12.69
CA ALA A 68 10.32 14.20 12.44
C ALA A 68 11.08 12.87 12.55
N GLU A 69 10.65 11.99 13.45
CA GLU A 69 11.31 10.70 13.62
C GLU A 69 11.18 9.82 12.35
N TYR A 70 10.20 10.10 11.48
CA TYR A 70 9.98 9.35 10.26
C TYR A 70 10.62 10.05 9.04
N PHE A 71 11.06 11.31 9.20
CA PHE A 71 11.49 12.13 8.08
C PHE A 71 12.78 11.55 7.48
N LYS A 72 13.74 11.08 8.30
CA LYS A 72 15.06 10.73 7.79
C LYS A 72 14.99 9.56 6.81
N ASP A 73 14.06 8.62 7.07
CA ASP A 73 13.97 7.41 6.27
C ASP A 73 12.83 7.43 5.24
N SER A 74 12.06 8.52 5.17
N SER A 74 12.10 8.55 5.16
CA SER A 74 10.93 8.57 4.24
CA SER A 74 11.01 8.71 4.18
C SER A 74 11.43 8.64 2.79
C SER A 74 11.52 8.58 2.75
N ARG A 75 10.76 7.85 1.92
CA ARG A 75 11.16 7.62 0.53
C ARG A 75 10.02 8.01 -0.41
N ASN A 76 10.21 9.09 -1.17
CA ASN A 76 9.23 9.60 -2.10
C ASN A 76 9.93 9.81 -3.44
N VAL A 77 9.78 8.85 -4.35
CA VAL A 77 10.54 8.86 -5.59
C VAL A 77 9.99 9.92 -6.55
N LYS A 78 8.79 10.44 -6.30
CA LYS A 78 8.30 11.58 -7.09
C LYS A 78 9.17 12.82 -6.81
N LYS A 79 9.55 12.99 -5.52
CA LYS A 79 10.29 14.14 -5.07
C LYS A 79 11.79 13.93 -5.15
N LEU A 80 12.26 12.73 -4.82
CA LEU A 80 13.67 12.42 -4.76
C LEU A 80 14.05 11.68 -6.04
N LYS A 81 14.95 12.26 -6.85
CA LYS A 81 15.18 11.72 -8.17
C LYS A 81 16.48 10.91 -8.30
N ASP A 82 17.44 11.17 -7.39
CA ASP A 82 18.78 10.59 -7.51
C ASP A 82 18.72 9.07 -7.29
N PRO A 83 19.18 8.26 -8.27
CA PRO A 83 19.10 6.80 -8.15
C PRO A 83 19.82 6.21 -6.94
N THR A 84 21.00 6.73 -6.60
CA THR A 84 21.79 6.23 -5.47
C THR A 84 21.05 6.44 -4.12
N LEU A 85 20.51 7.65 -3.90
CA LEU A 85 19.79 7.95 -2.66
C LEU A 85 18.50 7.13 -2.59
N ARG A 86 17.79 7.01 -3.72
CA ARG A 86 16.62 6.14 -3.84
C ARG A 86 16.98 4.72 -3.40
N PHE A 87 18.12 4.22 -3.88
CA PHE A 87 18.56 2.86 -3.55
C PHE A 87 18.83 2.70 -2.06
N ARG A 88 19.51 3.71 -1.49
CA ARG A 88 19.94 3.63 -0.11
C ARG A 88 18.75 3.67 0.86
N LEU A 89 17.64 4.32 0.51
CA LEU A 89 16.50 4.44 1.42
C LEU A 89 15.64 3.17 1.45
N LEU A 90 15.84 2.30 0.47
CA LEU A 90 15.12 1.01 0.46
C LEU A 90 15.88 0.05 1.36
N LYS A 91 15.20 -0.48 2.38
CA LYS A 91 15.80 -1.48 3.27
C LYS A 91 15.67 -2.85 2.63
N HIS A 92 16.81 -3.53 2.46
CA HIS A 92 16.86 -4.85 1.83
C HIS A 92 17.61 -5.85 2.73
N THR A 93 17.04 -7.04 2.84
CA THR A 93 17.46 -8.18 3.65
C THR A 93 16.75 -8.08 4.99
N ARG A 94 16.43 -9.27 5.57
CA ARG A 94 15.68 -9.29 6.81
C ARG A 94 16.45 -8.57 7.93
N LEU A 95 17.78 -8.66 7.90
CA LEU A 95 18.63 -8.00 8.90
C LEU A 95 18.40 -6.49 8.85
N ASN A 96 18.50 -5.91 7.64
CA ASN A 96 18.37 -4.46 7.53
C ASN A 96 16.93 -4.01 7.74
N VAL A 97 15.96 -4.80 7.27
CA VAL A 97 14.55 -4.49 7.52
C VAL A 97 14.27 -4.40 9.03
N VAL A 98 14.57 -5.48 9.78
CA VAL A 98 14.14 -5.51 11.17
C VAL A 98 14.98 -4.57 12.02
N ALA A 99 16.26 -4.37 11.66
CA ALA A 99 17.08 -3.37 12.37
C ALA A 99 16.47 -1.99 12.24
N PHE A 100 16.00 -1.65 11.03
CA PHE A 100 15.30 -0.40 10.79
C PHE A 100 14.02 -0.33 11.63
N LEU A 101 13.19 -1.39 11.59
CA LEU A 101 11.92 -1.32 12.31
C LEU A 101 12.17 -1.11 13.82
N ASN A 102 13.26 -1.66 14.36
CA ASN A 102 13.52 -1.56 15.80
C ASN A 102 14.03 -0.17 16.18
N GLU A 103 14.39 0.66 15.17
CA GLU A 103 14.80 2.03 15.38
C GLU A 103 13.57 2.93 15.42
N LEU A 104 12.44 2.53 14.84
CA LEU A 104 11.26 3.38 14.84
C LEU A 104 10.65 3.50 16.22
N PRO A 105 9.83 4.54 16.50
CA PRO A 105 9.19 4.67 17.80
C PRO A 105 8.36 3.47 18.23
N LYS A 106 8.34 3.20 19.56
CA LYS A 106 7.54 2.10 20.09
C LYS A 106 6.07 2.45 19.92
N THR A 107 5.23 1.43 19.73
CA THR A 107 3.86 1.60 19.27
C THR A 107 2.86 0.73 20.02
N GLN A 108 1.60 1.18 19.99
CA GLN A 108 0.44 0.36 20.31
C GLN A 108 -0.62 0.55 19.21
N HIS A 109 -0.78 -0.48 18.37
CA HIS A 109 -1.73 -0.49 17.26
C HIS A 109 -3.11 -0.98 17.71
N ASP A 110 -4.17 -0.36 17.17
CA ASP A 110 -5.52 -0.86 17.35
C ASP A 110 -5.86 -1.94 16.30
N VAL A 111 -5.34 -3.14 16.54
CA VAL A 111 -5.39 -4.23 15.57
C VAL A 111 -6.83 -4.56 15.16
N ASN A 112 -7.76 -4.63 16.13
CA ASN A 112 -9.10 -5.11 15.85
C ASN A 112 -9.91 -4.08 15.05
N SER A 113 -9.44 -2.82 14.98
CA SER A 113 -10.05 -1.80 14.15
C SER A 113 -9.46 -1.71 12.75
N PHE A 114 -8.42 -2.48 12.44
CA PHE A 114 -7.83 -2.43 11.13
C PHE A 114 -8.87 -2.71 10.03
N VAL A 115 -8.76 -1.94 8.93
CA VAL A 115 -9.50 -2.19 7.70
C VAL A 115 -8.50 -2.79 6.72
N VAL A 116 -8.78 -4.03 6.29
CA VAL A 116 -7.84 -4.83 5.54
C VAL A 116 -8.45 -5.14 4.17
N ASP A 117 -7.65 -4.93 3.11
CA ASP A 117 -8.05 -5.25 1.74
C ASP A 117 -7.06 -6.27 1.17
N ILE A 118 -7.58 -7.48 0.85
CA ILE A 118 -6.78 -8.47 0.15
C ILE A 118 -7.05 -8.25 -1.34
N SER A 119 -5.99 -7.86 -2.04
CA SER A 119 -6.13 -7.35 -3.41
C SER A 119 -5.48 -8.25 -4.48
N ALA A 120 -4.72 -9.26 -4.10
CA ALA A 120 -4.10 -10.22 -5.01
C ALA A 120 -3.85 -11.55 -4.31
N GLN A 121 -4.09 -12.65 -5.04
CA GLN A 121 -3.83 -13.99 -4.51
C GLN A 121 -3.51 -14.99 -5.60
N THR A 122 -2.38 -15.69 -5.41
CA THR A 122 -2.04 -16.88 -6.16
C THR A 122 -1.56 -17.94 -5.17
N SER A 123 -1.12 -19.10 -5.68
CA SER A 123 -0.55 -20.11 -4.78
C SER A 123 0.80 -19.64 -4.17
N THR A 124 1.42 -18.58 -4.72
CA THR A 124 2.72 -18.12 -4.24
C THR A 124 2.72 -16.70 -3.66
N LEU A 125 1.58 -16.00 -3.65
CA LEU A 125 1.53 -14.56 -3.41
C LEU A 125 0.21 -14.22 -2.72
N LEU A 126 0.30 -13.37 -1.72
CA LEU A 126 -0.85 -12.71 -1.13
C LEU A 126 -0.44 -11.24 -0.98
N CYS A 127 -1.25 -10.33 -1.51
CA CYS A 127 -1.02 -8.89 -1.31
C CYS A 127 -2.21 -8.33 -0.53
N PHE A 128 -1.92 -7.67 0.60
CA PHE A 128 -3.00 -7.08 1.36
C PHE A 128 -2.50 -5.76 1.96
N SER A 129 -3.42 -4.81 2.09
CA SER A 129 -3.09 -3.52 2.65
C SER A 129 -3.93 -3.32 3.92
N VAL A 130 -3.30 -2.73 4.93
CA VAL A 130 -3.85 -2.58 6.25
C VAL A 130 -3.95 -1.10 6.59
N ASN A 131 -5.17 -0.66 6.96
CA ASN A 131 -5.42 0.73 7.29
C ASN A 131 -5.86 0.82 8.75
N GLY A 132 -5.21 1.71 9.53
CA GLY A 132 -5.56 1.80 10.94
C GLY A 132 -4.86 2.96 11.62
N VAL A 133 -4.76 2.82 12.96
CA VAL A 133 -4.11 3.81 13.80
C VAL A 133 -3.17 3.11 14.77
N PHE A 134 -2.16 3.88 15.25
CA PHE A 134 -1.35 3.48 16.39
C PHE A 134 -1.00 4.70 17.27
N LYS A 135 -0.81 4.43 18.56
CA LYS A 135 -0.30 5.40 19.52
C LYS A 135 1.20 5.20 19.66
N GLU A 136 1.95 6.31 19.82
CA GLU A 136 3.35 6.25 20.22
C GLU A 136 3.37 6.20 21.73
N VAL A 137 4.14 5.27 22.29
CA VAL A 137 4.07 4.96 23.72
C VAL A 137 5.16 5.65 24.51
N ASP A 138 6.22 6.13 23.84
CA ASP A 138 7.35 6.70 24.54
C ASP A 138 7.89 7.90 23.77
N GLY A 139 8.97 8.50 24.28
CA GLY A 139 9.76 9.46 23.51
C GLY A 139 9.04 10.78 23.33
N LYS A 140 9.47 11.55 22.33
CA LYS A 140 9.10 12.95 22.16
C LYS A 140 7.61 13.13 21.83
N SER A 141 7.00 12.19 21.11
CA SER A 141 5.60 12.27 20.71
C SER A 141 4.71 11.24 21.46
N ARG A 142 5.09 10.92 22.70
CA ARG A 142 4.31 10.03 23.57
C ARG A 142 2.83 10.43 23.55
N ASP A 143 1.96 9.44 23.34
CA ASP A 143 0.50 9.58 23.35
C ASP A 143 -0.10 10.17 22.06
N SER A 144 0.74 10.53 21.06
CA SER A 144 0.24 10.94 19.75
C SER A 144 -0.42 9.80 18.99
N LEU A 145 -1.47 10.14 18.23
CA LEU A 145 -2.17 9.18 17.39
C LEU A 145 -1.78 9.37 15.93
N ARG A 146 -1.21 8.33 15.34
CA ARG A 146 -0.87 8.30 13.93
C ARG A 146 -1.88 7.40 13.21
N ALA A 147 -2.13 7.73 11.94
CA ALA A 147 -2.84 6.84 11.04
C ALA A 147 -1.83 6.27 10.06
N PHE A 148 -2.15 5.09 9.49
CA PHE A 148 -1.18 4.49 8.60
C PHE A 148 -1.89 3.60 7.57
N THR A 149 -1.16 3.34 6.48
CA THR A 149 -1.54 2.34 5.48
C THR A 149 -0.30 1.51 5.20
N ARG A 150 -0.39 0.19 5.43
CA ARG A 150 0.77 -0.66 5.25
C ARG A 150 0.40 -1.77 4.26
N THR A 151 1.22 -1.92 3.22
CA THR A 151 1.01 -2.89 2.16
C THR A 151 2.03 -4.01 2.30
N PHE A 152 1.53 -5.25 2.45
CA PHE A 152 2.39 -6.43 2.54
C PHE A 152 2.22 -7.31 1.31
N ILE A 153 3.33 -7.86 0.80
CA ILE A 153 3.29 -9.04 -0.06
C ILE A 153 3.97 -10.18 0.71
N ALA A 154 3.25 -11.29 0.79
CA ALA A 154 3.72 -12.48 1.50
C ALA A 154 3.65 -13.74 0.63
N VAL A 155 4.59 -14.66 0.88
CA VAL A 155 4.61 -15.98 0.29
C VAL A 155 4.23 -17.00 1.37
N PRO A 156 3.72 -18.17 0.99
CA PRO A 156 3.48 -19.22 1.97
C PRO A 156 4.70 -19.52 2.84
N ALA A 157 4.47 -19.62 4.17
CA ALA A 157 5.54 -19.96 5.09
C ALA A 157 5.57 -21.48 5.28
N SER A 158 6.82 -21.98 5.36
CA SER A 158 7.15 -23.39 5.46
C SER A 158 6.41 -24.09 6.61
N ASN A 159 6.07 -23.34 7.67
CA ASN A 159 5.16 -23.81 8.68
C ASN A 159 3.75 -23.97 8.08
N SER A 160 2.94 -22.93 8.19
CA SER A 160 1.57 -22.86 7.66
C SER A 160 1.08 -21.40 7.55
N GLY A 161 1.94 -20.47 7.98
CA GLY A 161 1.65 -19.04 7.97
C GLY A 161 2.18 -18.31 6.72
N LEU A 162 2.64 -17.07 6.94
CA LEU A 162 3.07 -16.16 5.88
C LEU A 162 4.52 -15.72 6.12
N CYS A 163 5.25 -15.54 5.03
CA CYS A 163 6.59 -15.01 5.03
C CYS A 163 6.62 -13.73 4.19
N ILE A 164 6.96 -12.60 4.80
CA ILE A 164 6.90 -11.30 4.13
CA ILE A 164 6.89 -11.31 4.12
C ILE A 164 8.11 -11.09 3.21
N VAL A 165 7.84 -10.72 1.94
CA VAL A 165 8.91 -10.39 1.00
C VAL A 165 8.93 -8.88 0.68
N ASN A 166 7.78 -8.20 0.82
CA ASN A 166 7.69 -6.76 0.56
C ASN A 166 6.75 -6.11 1.57
N ASP A 167 7.15 -4.93 2.06
CA ASP A 167 6.46 -4.21 3.12
C ASP A 167 6.65 -2.72 2.86
N GLU A 168 5.54 -2.01 2.64
CA GLU A 168 5.60 -0.58 2.40
C GLU A 168 4.71 0.07 3.45
N LEU A 169 5.33 0.94 4.31
CA LEU A 169 4.62 1.61 5.37
C LEU A 169 4.46 3.09 5.05
N PHE A 170 3.21 3.57 5.11
CA PHE A 170 2.89 4.98 4.98
C PHE A 170 2.29 5.47 6.31
N VAL A 171 2.93 6.50 6.90
CA VAL A 171 2.55 7.04 8.19
C VAL A 171 2.15 8.50 8.05
N ARG A 172 1.03 8.89 8.71
CA ARG A 172 0.58 10.27 8.73
C ARG A 172 -0.01 10.60 10.09
N ASN A 173 -0.30 11.88 10.35
CA ASN A 173 -1.09 12.20 11.52
C ASN A 173 -2.55 11.84 11.28
N ALA A 174 -3.20 11.34 12.33
CA ALA A 174 -4.64 11.18 12.35
C ALA A 174 -5.29 12.54 12.25
N SER A 175 -6.41 12.58 11.51
CA SER A 175 -7.20 13.80 11.38
C SER A 175 -7.96 14.06 12.67
N SER A 176 -8.49 15.28 12.79
CA SER A 176 -9.32 15.62 13.94
C SER A 176 -10.55 14.71 13.98
N GLU A 177 -11.12 14.36 12.81
CA GLU A 177 -12.27 13.46 12.75
C GLU A 177 -11.88 12.04 13.18
N GLU A 178 -10.68 11.57 12.79
CA GLU A 178 -10.24 10.23 13.13
C GLU A 178 -10.02 10.15 14.64
N ILE A 179 -9.43 11.23 15.21
CA ILE A 179 -9.14 11.29 16.63
C ILE A 179 -10.45 11.26 17.40
N GLN A 180 -11.43 12.05 16.99
CA GLN A 180 -12.69 12.12 17.67
C GLN A 180 -13.35 10.73 17.70
N ARG A 181 -13.39 10.05 16.55
CA ARG A 181 -13.99 8.71 16.46
C ARG A 181 -13.21 7.69 17.30
N ALA A 182 -11.89 7.74 17.24
CA ALA A 182 -11.05 6.78 17.92
C ALA A 182 -11.16 6.92 19.45
N PHE A 183 -11.37 8.15 19.94
CA PHE A 183 -11.29 8.41 21.38
C PHE A 183 -12.66 8.54 22.05
N ALA A 184 -13.75 8.62 21.27
CA ALA A 184 -15.09 8.74 21.82
C ALA A 184 -15.42 7.57 22.76
N MET A 185 -16.19 7.87 23.82
CA MET A 185 -16.78 6.82 24.67
C MET A 185 -17.99 7.37 25.41
N PRO A 186 -18.96 7.94 24.68
CA PRO A 186 -20.14 8.54 25.31
C PRO A 186 -21.00 7.52 26.06
N ALA A 187 -21.74 8.03 27.05
CA ALA A 187 -22.76 7.25 27.72
C ALA A 187 -23.77 6.73 26.70
N PRO A 188 -24.31 5.51 26.89
CA PRO A 188 -25.32 5.00 25.97
C PRO A 188 -26.60 5.83 26.02
N THR A 189 -27.25 5.97 24.86
CA THR A 189 -28.50 6.71 24.75
C THR A 189 -29.45 5.91 23.87
N PRO A 190 -30.76 5.98 24.13
CA PRO A 190 -31.72 5.20 23.34
C PRO A 190 -31.79 5.63 21.88
N SER B 1 22.61 -13.39 -9.89
CA SER B 1 22.35 -13.46 -11.36
C SER B 1 22.38 -12.07 -12.00
N VAL B 2 21.52 -11.17 -11.49
CA VAL B 2 21.57 -9.73 -11.75
C VAL B 2 21.64 -8.99 -10.41
N ASP B 3 22.38 -7.86 -10.39
CA ASP B 3 22.50 -7.02 -9.21
C ASP B 3 21.14 -6.50 -8.75
N PHE B 4 20.95 -6.48 -7.41
CA PHE B 4 19.72 -5.97 -6.82
C PHE B 4 19.46 -4.52 -7.28
N LYS B 5 20.52 -3.70 -7.31
CA LYS B 5 20.34 -2.28 -7.65
C LYS B 5 19.72 -2.13 -9.02
N THR B 6 19.99 -3.09 -9.92
CA THR B 6 19.45 -3.01 -11.26
C THR B 6 17.93 -3.07 -11.20
N TYR B 7 17.43 -3.97 -10.33
CA TYR B 7 16.00 -4.15 -10.15
C TYR B 7 15.37 -2.95 -9.48
N VAL B 8 16.09 -2.35 -8.49
CA VAL B 8 15.57 -1.17 -7.82
C VAL B 8 15.46 0.02 -8.79
N ASP B 9 16.51 0.25 -9.57
CA ASP B 9 16.51 1.32 -10.58
C ASP B 9 15.41 1.13 -11.63
N GLN B 10 15.22 -0.13 -12.05
CA GLN B 10 14.19 -0.46 -13.02
C GLN B 10 12.83 -0.14 -12.40
N ALA B 11 12.63 -0.54 -11.13
CA ALA B 11 11.36 -0.35 -10.45
C ALA B 11 10.99 1.13 -10.35
N CYS B 12 11.93 1.98 -9.94
CA CYS B 12 11.69 3.41 -9.80
C CYS B 12 11.29 4.01 -11.15
N ARG B 13 12.01 3.63 -12.21
CA ARG B 13 11.77 4.21 -13.53
C ARG B 13 10.37 3.84 -14.04
N ALA B 14 10.07 2.53 -13.95
CA ALA B 14 8.81 2.02 -14.43
C ALA B 14 7.65 2.67 -13.68
N ALA B 15 7.82 2.81 -12.36
CA ALA B 15 6.73 3.30 -11.54
C ALA B 15 6.50 4.78 -11.78
N GLU B 16 7.57 5.57 -11.83
CA GLU B 16 7.35 7.02 -11.93
C GLU B 16 6.66 7.31 -13.25
N GLU B 17 7.11 6.63 -14.30
CA GLU B 17 6.56 6.89 -15.64
C GLU B 17 5.11 6.42 -15.72
N PHE B 18 4.88 5.17 -15.23
CA PHE B 18 3.54 4.59 -15.22
C PHE B 18 2.57 5.50 -14.47
N VAL B 19 2.94 5.98 -13.28
CA VAL B 19 2.04 6.80 -12.49
C VAL B 19 1.64 8.07 -13.27
N ASN B 20 2.61 8.69 -13.94
CA ASN B 20 2.31 9.89 -14.73
C ASN B 20 1.30 9.56 -15.85
N VAL B 21 1.51 8.47 -16.59
CA VAL B 21 0.57 8.04 -17.62
C VAL B 21 -0.80 7.71 -17.02
N TYR B 22 -0.80 6.95 -15.91
CA TYR B 22 -2.05 6.48 -15.30
C TYR B 22 -2.98 7.64 -14.91
N TYR B 23 -2.48 8.63 -14.16
CA TYR B 23 -3.39 9.66 -13.66
C TYR B 23 -3.72 10.72 -14.72
N THR B 24 -2.82 10.92 -15.70
CA THR B 24 -3.11 11.75 -16.85
C THR B 24 -4.26 11.12 -17.66
N THR B 25 -4.19 9.79 -17.88
CA THR B 25 -5.22 9.07 -18.59
C THR B 25 -6.52 9.13 -17.80
N MET B 26 -6.45 8.83 -16.49
CA MET B 26 -7.64 8.87 -15.65
C MET B 26 -8.39 10.19 -15.81
N ASP B 27 -7.65 11.30 -15.76
CA ASP B 27 -8.26 12.63 -15.73
C ASP B 27 -8.67 13.10 -17.12
N LYS B 28 -7.92 12.72 -18.16
CA LYS B 28 -8.05 13.38 -19.46
C LYS B 28 -8.34 12.46 -20.64
N ARG B 29 -8.30 11.15 -20.43
CA ARG B 29 -8.55 10.18 -21.51
C ARG B 29 -9.09 8.89 -20.88
N ARG B 30 -10.16 9.02 -20.11
CA ARG B 30 -10.64 7.92 -19.26
C ARG B 30 -10.91 6.65 -20.05
N ARG B 31 -11.34 6.75 -21.32
CA ARG B 31 -11.71 5.54 -22.07
C ARG B 31 -10.52 4.63 -22.38
N LEU B 32 -9.29 5.15 -22.31
CA LEU B 32 -8.07 4.40 -22.57
C LEU B 32 -7.54 3.75 -21.29
N LEU B 33 -8.07 4.09 -20.12
CA LEU B 33 -7.48 3.65 -18.85
C LEU B 33 -7.44 2.12 -18.74
N SER B 34 -8.50 1.45 -19.20
CA SER B 34 -8.56 0.00 -19.08
C SER B 34 -7.47 -0.69 -19.89
N ARG B 35 -6.90 -0.01 -20.91
CA ARG B 35 -5.78 -0.58 -21.66
C ARG B 35 -4.48 -0.69 -20.84
N LEU B 36 -4.44 -0.03 -19.68
CA LEU B 36 -3.28 -0.07 -18.80
C LEU B 36 -3.33 -1.27 -17.85
N TYR B 37 -4.43 -2.04 -17.90
CA TYR B 37 -4.64 -3.22 -17.04
C TYR B 37 -4.53 -4.51 -17.87
N MET B 38 -4.00 -5.55 -17.23
CA MET B 38 -4.01 -6.91 -17.77
C MET B 38 -5.46 -7.41 -17.87
N GLY B 39 -5.71 -8.37 -18.78
CA GLY B 39 -7.05 -8.90 -19.00
C GLY B 39 -7.70 -9.47 -17.73
N THR B 40 -6.90 -10.14 -16.89
CA THR B 40 -7.39 -10.77 -15.68
C THR B 40 -7.32 -9.85 -14.46
N ALA B 41 -6.89 -8.59 -14.62
CA ALA B 41 -6.65 -7.72 -13.47
C ALA B 41 -7.95 -7.46 -12.70
N THR B 42 -7.79 -7.22 -11.40
CA THR B 42 -8.87 -6.85 -10.51
C THR B 42 -8.54 -5.52 -9.85
N LEU B 43 -9.57 -4.88 -9.29
CA LEU B 43 -9.49 -3.67 -8.48
C LEU B 43 -10.38 -3.85 -7.26
N VAL B 44 -9.82 -3.58 -6.08
CA VAL B 44 -10.62 -3.47 -4.87
C VAL B 44 -10.74 -1.97 -4.57
N TRP B 45 -11.95 -1.42 -4.78
CA TRP B 45 -12.18 0.03 -4.70
C TRP B 45 -13.06 0.32 -3.49
N ASN B 46 -12.47 0.95 -2.46
CA ASN B 46 -13.15 1.13 -1.20
C ASN B 46 -13.97 -0.12 -0.81
N GLY B 47 -13.31 -1.28 -0.86
CA GLY B 47 -13.92 -2.51 -0.36
C GLY B 47 -14.82 -3.24 -1.36
N ASN B 48 -14.84 -2.76 -2.60
CA ASN B 48 -15.65 -3.31 -3.68
C ASN B 48 -14.75 -3.94 -4.74
N ALA B 49 -14.94 -5.23 -5.02
CA ALA B 49 -14.12 -5.92 -5.99
C ALA B 49 -14.71 -5.77 -7.39
N VAL B 50 -13.84 -5.42 -8.34
CA VAL B 50 -14.15 -5.34 -9.76
C VAL B 50 -13.16 -6.23 -10.51
N SER B 51 -13.69 -7.20 -11.31
CA SER B 51 -12.89 -8.27 -11.88
C SER B 51 -12.92 -8.25 -13.41
N GLY B 52 -11.72 -8.16 -14.02
CA GLY B 52 -11.58 -8.32 -15.46
C GLY B 52 -11.59 -6.98 -16.18
N GLN B 53 -10.84 -6.91 -17.28
CA GLN B 53 -10.65 -5.68 -18.03
C GLN B 53 -11.98 -5.10 -18.52
N GLU B 54 -12.93 -5.97 -18.93
CA GLU B 54 -14.21 -5.46 -19.42
C GLU B 54 -15.02 -4.83 -18.28
N SER B 55 -15.02 -5.43 -17.08
CA SER B 55 -15.73 -4.84 -15.95
C SER B 55 -15.05 -3.56 -15.47
N LEU B 56 -13.72 -3.49 -15.58
CA LEU B 56 -12.95 -2.31 -15.21
C LEU B 56 -13.32 -1.16 -16.14
N SER B 57 -13.42 -1.46 -17.44
CA SER B 57 -13.85 -0.49 -18.44
C SER B 57 -15.20 0.12 -18.05
N GLU B 58 -16.18 -0.72 -17.70
CA GLU B 58 -17.48 -0.22 -17.28
C GLU B 58 -17.39 0.64 -16.03
N PHE B 59 -16.59 0.22 -15.05
CA PHE B 59 -16.53 0.92 -13.77
C PHE B 59 -15.95 2.30 -13.97
N PHE B 60 -14.90 2.37 -14.79
CA PHE B 60 -14.23 3.65 -15.05
C PHE B 60 -15.15 4.59 -15.82
N GLU B 61 -16.00 4.06 -16.71
CA GLU B 61 -16.92 4.94 -17.44
C GLU B 61 -18.00 5.47 -16.48
N MET B 62 -18.33 4.70 -15.44
CA MET B 62 -19.38 5.08 -14.51
C MET B 62 -18.88 6.12 -13.50
N LEU B 63 -17.57 6.10 -13.15
CA LEU B 63 -17.01 7.04 -12.18
C LEU B 63 -17.15 8.47 -12.72
N PRO B 64 -17.42 9.47 -11.86
CA PRO B 64 -17.40 10.86 -12.32
C PRO B 64 -16.04 11.26 -12.91
N SER B 65 -16.05 12.35 -13.69
CA SER B 65 -14.80 13.01 -14.06
C SER B 65 -13.97 13.39 -12.82
N SER B 66 -12.65 13.36 -12.99
CA SER B 66 -11.70 13.45 -11.87
C SER B 66 -10.63 14.51 -12.17
N GLU B 67 -10.11 15.12 -11.10
CA GLU B 67 -8.82 15.80 -11.11
C GLU B 67 -8.00 15.22 -9.96
N PHE B 68 -6.91 14.50 -10.26
CA PHE B 68 -6.05 13.93 -9.23
C PHE B 68 -4.82 14.81 -9.03
N GLN B 69 -4.39 14.97 -7.77
CA GLN B 69 -3.10 15.57 -7.45
C GLN B 69 -2.28 14.53 -6.68
N ILE B 70 -1.14 14.14 -7.24
CA ILE B 70 -0.31 13.10 -6.67
C ILE B 70 0.86 13.74 -5.90
N SER B 71 1.03 13.40 -4.62
CA SER B 71 2.10 13.99 -3.82
C SER B 71 3.19 13.02 -3.39
N VAL B 72 2.85 11.71 -3.25
CA VAL B 72 3.81 10.71 -2.80
C VAL B 72 3.73 9.47 -3.69
N VAL B 73 4.90 8.98 -4.13
CA VAL B 73 5.04 7.70 -4.83
C VAL B 73 6.21 6.95 -4.20
N ASP B 74 6.00 5.66 -3.84
CA ASP B 74 7.10 4.79 -3.46
C ASP B 74 6.89 3.49 -4.24
N CYS B 75 7.98 2.73 -4.43
CA CYS B 75 7.93 1.51 -5.20
C CYS B 75 9.01 0.55 -4.76
N GLN B 76 8.77 -0.75 -5.04
CA GLN B 76 9.72 -1.79 -4.69
C GLN B 76 9.68 -2.88 -5.76
N PRO B 77 10.82 -3.50 -6.13
CA PRO B 77 10.81 -4.73 -6.89
C PRO B 77 10.25 -5.86 -6.06
N VAL B 78 9.34 -6.67 -6.66
CA VAL B 78 8.70 -7.76 -5.93
C VAL B 78 9.59 -8.99 -6.00
N HIS B 79 9.75 -9.68 -4.84
CA HIS B 79 10.64 -10.84 -4.79
C HIS B 79 10.15 -11.93 -5.76
N ASP B 80 11.11 -12.57 -6.44
CA ASP B 80 10.85 -13.65 -7.38
C ASP B 80 10.08 -14.83 -6.80
N GLU B 81 10.17 -15.04 -5.47
CA GLU B 81 9.45 -16.16 -4.87
C GLU B 81 7.94 -15.92 -4.86
N ALA B 82 7.53 -14.65 -4.90
CA ALA B 82 6.12 -14.34 -4.91
C ALA B 82 5.59 -14.39 -6.37
N THR B 83 6.43 -14.01 -7.36
CA THR B 83 6.03 -13.96 -8.76
C THR B 83 7.05 -14.68 -9.62
N PRO B 84 7.15 -16.02 -9.53
CA PRO B 84 8.17 -16.74 -10.26
C PRO B 84 8.05 -16.39 -11.75
N SER B 85 9.25 -16.30 -12.40
CA SER B 85 9.43 -16.08 -13.83
C SER B 85 8.65 -14.87 -14.37
N GLN B 86 8.43 -13.86 -13.52
CA GLN B 86 7.60 -12.71 -13.86
C GLN B 86 8.16 -11.47 -13.16
N THR B 87 8.54 -10.44 -13.93
CA THR B 87 9.08 -9.21 -13.35
C THR B 87 7.93 -8.31 -12.90
N THR B 88 7.89 -8.01 -11.58
CA THR B 88 6.79 -7.23 -11.04
C THR B 88 7.33 -6.15 -10.08
N VAL B 89 6.52 -5.10 -9.92
CA VAL B 89 6.86 -3.92 -9.11
C VAL B 89 5.64 -3.48 -8.33
N LEU B 90 5.83 -3.32 -7.00
CA LEU B 90 4.79 -2.77 -6.14
C LEU B 90 4.92 -1.25 -6.16
N VAL B 91 3.78 -0.56 -6.33
CA VAL B 91 3.72 0.89 -6.36
C VAL B 91 2.68 1.35 -5.35
N VAL B 92 3.07 2.35 -4.53
CA VAL B 92 2.18 2.91 -3.55
C VAL B 92 2.10 4.41 -3.76
N ILE B 93 0.87 4.94 -3.75
CA ILE B 93 0.59 6.34 -4.09
C ILE B 93 -0.25 6.98 -2.99
N CYS B 94 0.06 8.23 -2.66
CA CYS B 94 -0.81 9.06 -1.86
C CYS B 94 -1.07 10.38 -2.60
N GLY B 95 -2.32 10.87 -2.48
CA GLY B 95 -2.69 12.12 -3.10
C GLY B 95 -4.10 12.54 -2.72
N SER B 96 -4.66 13.52 -3.50
CA SER B 96 -6.04 13.91 -3.36
C SER B 96 -6.72 13.85 -4.71
N VAL B 97 -8.05 13.75 -4.67
CA VAL B 97 -8.84 13.72 -5.87
C VAL B 97 -10.12 14.51 -5.66
N LYS B 98 -10.47 15.29 -6.70
CA LYS B 98 -11.79 15.89 -6.79
C LYS B 98 -12.59 15.19 -7.89
N PHE B 99 -13.61 14.43 -7.47
CA PHE B 99 -14.58 13.86 -8.39
C PHE B 99 -15.72 14.84 -8.56
N GLU B 100 -16.21 15.00 -9.81
CA GLU B 100 -17.31 15.89 -10.08
C GLU B 100 -18.50 15.51 -9.19
N GLY B 101 -19.07 16.53 -8.56
CA GLY B 101 -20.27 16.34 -7.76
C GLY B 101 -19.93 15.90 -6.34
N ASN B 102 -18.64 15.86 -6.00
CA ASN B 102 -18.20 15.36 -4.70
C ASN B 102 -17.11 16.28 -4.15
N LYS B 103 -17.07 16.40 -2.81
CA LYS B 103 -16.01 17.14 -2.15
C LYS B 103 -14.65 16.48 -2.44
N GLN B 104 -13.59 17.30 -2.44
CA GLN B 104 -12.23 16.79 -2.57
C GLN B 104 -11.88 15.85 -1.41
N ARG B 105 -11.08 14.81 -1.71
CA ARG B 105 -10.71 13.79 -0.74
C ARG B 105 -9.28 13.32 -0.89
N ASP B 106 -8.67 12.89 0.21
CA ASP B 106 -7.37 12.25 0.18
C ASP B 106 -7.56 10.74 0.02
N PHE B 107 -6.58 10.08 -0.59
CA PHE B 107 -6.68 8.68 -0.92
C PHE B 107 -5.28 8.03 -0.86
N ASN B 108 -5.28 6.70 -0.79
CA ASN B 108 -4.09 5.89 -0.98
C ASN B 108 -4.44 4.80 -1.99
N GLN B 109 -3.49 4.50 -2.88
CA GLN B 109 -3.69 3.49 -3.91
C GLN B 109 -2.41 2.67 -3.96
N ASN B 110 -2.56 1.35 -4.17
CA ASN B 110 -1.40 0.50 -4.41
C ASN B 110 -1.76 -0.45 -5.56
N PHE B 111 -0.76 -0.77 -6.36
CA PHE B 111 -0.95 -1.77 -7.39
C PHE B 111 0.35 -2.47 -7.70
N ILE B 112 0.22 -3.66 -8.32
CA ILE B 112 1.36 -4.43 -8.75
C ILE B 112 1.40 -4.33 -10.27
N LEU B 113 2.54 -3.82 -10.80
CA LEU B 113 2.78 -3.79 -12.23
C LEU B 113 3.55 -5.03 -12.66
N THR B 114 3.24 -5.52 -13.88
CA THR B 114 3.94 -6.64 -14.47
C THR B 114 4.51 -6.19 -15.82
N ALA B 115 5.72 -6.66 -16.11
CA ALA B 115 6.43 -6.38 -17.35
C ALA B 115 6.02 -7.37 -18.44
N GLN B 116 5.66 -6.85 -19.61
CA GLN B 116 5.25 -7.60 -20.79
C GLN B 116 6.23 -7.24 -21.91
N ALA B 117 7.14 -8.16 -22.22
CA ALA B 117 8.11 -7.93 -23.27
C ALA B 117 7.39 -7.82 -24.61
N SER B 118 7.90 -6.98 -25.51
CA SER B 118 7.25 -6.83 -26.80
C SER B 118 8.36 -6.66 -27.84
N PRO B 119 8.00 -6.73 -29.15
CA PRO B 119 8.93 -6.48 -30.26
C PRO B 119 9.68 -5.14 -30.18
N SER B 120 9.03 -4.11 -29.61
CA SER B 120 9.70 -2.85 -29.30
C SER B 120 9.95 -2.78 -27.79
N ASN B 121 9.23 -1.90 -27.08
CA ASN B 121 9.52 -1.64 -25.67
C ASN B 121 8.79 -2.64 -24.78
N THR B 122 9.37 -2.95 -23.61
CA THR B 122 8.63 -3.59 -22.53
C THR B 122 7.52 -2.66 -22.06
N VAL B 123 6.33 -3.21 -21.90
CA VAL B 123 5.16 -2.49 -21.45
C VAL B 123 4.80 -2.95 -20.04
N TRP B 124 4.54 -2.00 -19.14
CA TRP B 124 4.11 -2.35 -17.81
C TRP B 124 2.60 -2.19 -17.72
N LYS B 125 1.94 -3.24 -17.18
CA LYS B 125 0.50 -3.19 -16.97
C LYS B 125 0.15 -3.54 -15.55
N ILE B 126 -1.01 -3.06 -15.09
CA ILE B 126 -1.48 -3.42 -13.74
C ILE B 126 -2.01 -4.85 -13.76
N ALA B 127 -1.51 -5.69 -12.82
CA ALA B 127 -2.04 -7.03 -12.61
C ALA B 127 -3.08 -7.04 -11.48
N SER B 128 -2.91 -6.16 -10.47
N SER B 128 -2.93 -6.13 -10.51
CA SER B 128 -3.86 -6.04 -9.37
CA SER B 128 -3.80 -6.04 -9.35
C SER B 128 -3.78 -4.62 -8.80
C SER B 128 -3.78 -4.61 -8.80
N ASP B 129 -4.94 -4.11 -8.36
CA ASP B 129 -5.09 -2.71 -7.93
C ASP B 129 -5.94 -2.62 -6.67
N CYS B 130 -5.66 -1.61 -5.82
CA CYS B 130 -6.39 -1.33 -4.59
C CYS B 130 -6.43 0.19 -4.36
N PHE B 131 -7.62 0.75 -4.09
CA PHE B 131 -7.86 2.17 -3.94
C PHE B 131 -8.76 2.36 -2.73
N ARG B 132 -8.39 3.27 -1.80
CA ARG B 132 -9.26 3.59 -0.68
C ARG B 132 -9.12 5.06 -0.27
N PHE B 133 -10.26 5.71 -0.04
CA PHE B 133 -10.26 7.08 0.45
C PHE B 133 -9.82 7.08 1.92
N GLN B 134 -9.00 8.07 2.33
CA GLN B 134 -8.62 8.20 3.73
C GLN B 134 -9.88 8.32 4.60
N ASP B 135 -10.91 9.00 4.11
CA ASP B 135 -12.12 9.25 4.89
C ASP B 135 -13.30 8.43 4.37
N TRP B 136 -13.12 7.13 4.09
CA TRP B 136 -14.11 6.33 3.35
C TRP B 136 -15.41 6.11 4.15
N ALA B 137 -15.33 6.16 5.48
CA ALA B 137 -16.47 5.88 6.34
C ALA B 137 -17.39 7.10 6.55
N SER B 138 -16.96 8.29 6.10
CA SER B 138 -17.74 9.50 6.24
C SER B 138 -18.96 9.50 5.32
#